data_1I51
#
_entry.id   1I51
#
_cell.length_a   89.6
_cell.length_b   89.6
_cell.length_c   185.5
_cell.angle_alpha   90
_cell.angle_beta   90
_cell.angle_gamma   120
#
_symmetry.space_group_name_H-M   'P 32 2 1'
#
loop_
_entity.id
_entity.type
_entity.pdbx_description
1 polymer 'CASPASE-7 SUBUNIT P20'
2 polymer 'CASPASE-7 SUBUNIT P11'
3 polymer 'X-LINKED INHIBITOR OF APOPTOSIS PROTEIN'
#
loop_
_entity_poly.entity_id
_entity_poly.type
_entity_poly.pdbx_seq_one_letter_code
_entity_poly.pdbx_strand_id
1 'polypeptide(L)'
;TRDRVPTYQYNMNFEKLGKCIIINNKNFDKVTGMGVRNGTDKDAEALFKCFRSLGFDVIVYNDCSCAKMQDLLKKASEED
HTNAACFACILLSHGEENVIYGKDGVTPIKDLTAHFRGARCKTLLEKPKLFFIQACRGTELDDGIQAD
;
A,C
2 'polypeptide(L)'
;SGPINDTDANPRYKIPVEADFLFAYSTVPGYYSWRSPGRGSWFVQALCSILEEHGKDLEIMQILTRVNDRVARHFESQSD
DPHFHEKKQIPCVVSMLTKELYFSQ
;
B,D
3 'polypeptide(L)'
;RDHFALDRPSETHADYLLRTGQVVDISDTIYPRNPAMYCEEARLKSFQNWPDYAHLTPRELASAGLYYTGIGDQVQCFCC
GGKLKNWEPCDRAWSEHRRHFPNCFFVLGRNLNIRSE
;
E,F
#
# COMPACT_ATOMS: atom_id res chain seq x y z
N TYR A 8 5.21 15.88 12.72
CA TYR A 8 3.97 16.07 13.53
C TYR A 8 2.91 15.01 13.25
N GLN A 9 1.68 15.34 13.60
CA GLN A 9 0.55 14.48 13.36
C GLN A 9 -0.56 15.36 12.85
N TYR A 10 -1.62 14.76 12.33
CA TYR A 10 -2.73 15.54 11.83
C TYR A 10 -3.39 16.28 13.00
N ASN A 11 -3.90 17.47 12.71
CA ASN A 11 -4.56 18.30 13.70
C ASN A 11 -5.96 17.74 13.99
N MET A 12 -6.21 17.34 15.22
CA MET A 12 -7.51 16.78 15.59
C MET A 12 -8.36 17.76 16.41
N ASN A 13 -7.97 19.03 16.39
CA ASN A 13 -8.71 20.07 17.11
C ASN A 13 -9.86 20.65 16.28
N PHE A 14 -10.95 19.89 16.24
CA PHE A 14 -12.14 20.31 15.51
C PHE A 14 -13.34 19.86 16.31
N GLU A 15 -14.49 20.42 15.95
CA GLU A 15 -15.76 20.10 16.59
C GLU A 15 -15.95 18.58 16.62
N LYS A 16 -15.97 17.96 15.44
CA LYS A 16 -16.18 16.53 15.34
C LYS A 16 -15.06 15.76 14.63
N LEU A 17 -14.92 14.48 14.98
CA LEU A 17 -13.90 13.63 14.39
C LEU A 17 -14.14 13.60 12.89
N GLY A 18 -15.39 13.33 12.49
CA GLY A 18 -15.70 13.32 11.07
C GLY A 18 -16.82 12.35 10.74
N LYS A 19 -17.24 12.34 9.48
CA LYS A 19 -18.30 11.45 9.05
C LYS A 19 -17.73 10.08 8.67
N CYS A 20 -18.46 9.02 8.98
CA CYS A 20 -18.01 7.67 8.64
C CYS A 20 -19.17 6.93 7.98
N ILE A 21 -18.97 6.57 6.72
CA ILE A 21 -19.96 5.85 5.93
C ILE A 21 -19.63 4.37 5.88
N ILE A 22 -20.64 3.54 6.15
CA ILE A 22 -20.46 2.10 6.09
C ILE A 22 -21.39 1.55 5.02
N ILE A 23 -20.82 0.97 3.97
CA ILE A 23 -21.62 0.38 2.91
C ILE A 23 -21.62 -1.13 3.12
N ASN A 24 -22.78 -1.70 3.42
CA ASN A 24 -22.90 -3.12 3.73
C ASN A 24 -23.68 -3.95 2.71
N ASN A 25 -23.02 -4.36 1.63
CA ASN A 25 -23.67 -5.15 0.58
C ASN A 25 -23.65 -6.64 0.89
N LYS A 26 -24.83 -7.20 1.16
CA LYS A 26 -24.96 -8.62 1.51
C LYS A 26 -25.72 -9.49 0.49
N ASN A 27 -26.86 -9.00 0.02
CA ASN A 27 -27.68 -9.74 -0.93
C ASN A 27 -27.44 -9.13 -2.30
N PHE A 28 -27.21 -9.97 -3.29
CA PHE A 28 -26.96 -9.48 -4.64
C PHE A 28 -28.02 -9.91 -5.63
N ASP A 29 -28.11 -9.19 -6.75
CA ASP A 29 -29.09 -9.51 -7.76
C ASP A 29 -28.80 -10.87 -8.36
N LYS A 30 -29.87 -11.62 -8.61
CA LYS A 30 -29.77 -12.96 -9.20
C LYS A 30 -28.78 -12.92 -10.39
N VAL A 31 -28.94 -11.91 -11.24
CA VAL A 31 -28.09 -11.71 -12.41
C VAL A 31 -26.59 -11.81 -12.13
N THR A 32 -26.08 -10.96 -11.23
CA THR A 32 -24.65 -10.95 -10.90
C THR A 32 -24.09 -12.34 -10.58
N GLY A 33 -24.96 -13.25 -10.16
CA GLY A 33 -24.52 -14.59 -9.84
C GLY A 33 -23.79 -14.70 -8.52
N MET A 34 -23.52 -13.56 -7.87
CA MET A 34 -22.80 -13.54 -6.60
C MET A 34 -23.60 -14.13 -5.42
N GLY A 35 -22.89 -14.70 -4.46
CA GLY A 35 -23.57 -15.31 -3.32
C GLY A 35 -23.95 -14.37 -2.19
N VAL A 36 -24.71 -14.89 -1.24
CA VAL A 36 -25.14 -14.11 -0.09
C VAL A 36 -24.01 -14.14 0.94
N ARG A 37 -23.56 -12.94 1.34
CA ARG A 37 -22.46 -12.80 2.29
C ARG A 37 -22.86 -12.95 3.77
N ASN A 38 -23.22 -14.17 4.17
CA ASN A 38 -23.60 -14.45 5.55
C ASN A 38 -22.52 -14.01 6.53
N GLY A 39 -22.94 -13.28 7.55
CA GLY A 39 -22.00 -12.83 8.56
C GLY A 39 -21.54 -11.41 8.35
N THR A 40 -22.04 -10.75 7.30
CA THR A 40 -21.63 -9.38 7.04
C THR A 40 -22.34 -8.42 7.98
N ASP A 41 -23.51 -8.83 8.48
CA ASP A 41 -24.25 -7.98 9.41
C ASP A 41 -23.47 -7.96 10.73
N LYS A 42 -22.78 -9.05 11.02
CA LYS A 42 -21.97 -9.15 12.23
C LYS A 42 -20.83 -8.13 12.12
N ASP A 43 -20.26 -8.02 10.93
CA ASP A 43 -19.16 -7.09 10.70
C ASP A 43 -19.62 -5.63 10.78
N ALA A 44 -20.78 -5.36 10.21
CA ALA A 44 -21.36 -4.02 10.21
C ALA A 44 -21.75 -3.53 11.62
N GLU A 45 -22.25 -4.45 12.44
CA GLU A 45 -22.64 -4.09 13.78
C GLU A 45 -21.42 -3.78 14.63
N ALA A 46 -20.37 -4.58 14.45
CA ALA A 46 -19.13 -4.37 15.19
C ALA A 46 -18.46 -3.08 14.71
N LEU A 47 -18.40 -2.90 13.40
CA LEU A 47 -17.78 -1.69 12.86
C LEU A 47 -18.51 -0.43 13.34
N PHE A 48 -19.84 -0.50 13.36
CA PHE A 48 -20.67 0.62 13.81
C PHE A 48 -20.32 0.98 15.24
N LYS A 49 -20.42 0.00 16.12
CA LYS A 49 -20.13 0.17 17.54
C LYS A 49 -18.70 0.66 17.76
N CYS A 50 -17.78 0.16 16.96
CA CYS A 50 -16.37 0.49 17.07
C CYS A 50 -16.00 1.91 16.64
N PHE A 51 -16.33 2.26 15.40
CA PHE A 51 -15.98 3.58 14.88
C PHE A 51 -16.80 4.68 15.56
N ARG A 52 -17.97 4.31 16.07
CA ARG A 52 -18.83 5.26 16.74
C ARG A 52 -18.16 5.63 18.06
N SER A 53 -17.57 4.63 18.73
CA SER A 53 -16.89 4.89 19.99
C SER A 53 -15.62 5.72 19.77
N LEU A 54 -15.00 5.58 18.61
CA LEU A 54 -13.81 6.37 18.30
C LEU A 54 -14.24 7.83 18.20
N GLY A 55 -15.51 8.05 17.84
CA GLY A 55 -16.02 9.41 17.71
C GLY A 55 -16.64 9.82 16.39
N PHE A 56 -16.71 8.90 15.42
CA PHE A 56 -17.28 9.21 14.11
C PHE A 56 -18.80 9.26 14.12
N ASP A 57 -19.37 9.94 13.13
CA ASP A 57 -20.80 10.04 12.94
C ASP A 57 -21.06 8.99 11.87
N VAL A 58 -21.36 7.78 12.32
CA VAL A 58 -21.57 6.62 11.46
C VAL A 58 -22.96 6.41 10.90
N ILE A 59 -23.01 6.14 9.61
CA ILE A 59 -24.28 5.84 8.96
C ILE A 59 -24.08 4.56 8.16
N VAL A 60 -25.01 3.63 8.28
CA VAL A 60 -24.92 2.35 7.58
C VAL A 60 -25.95 2.27 6.47
N TYR A 61 -25.50 1.93 5.25
CA TYR A 61 -26.40 1.80 4.11
C TYR A 61 -26.30 0.34 3.63
N ASN A 62 -27.42 -0.32 3.41
CA ASN A 62 -27.37 -1.72 2.96
C ASN A 62 -27.71 -1.99 1.51
N ASP A 63 -27.29 -3.17 1.04
CA ASP A 63 -27.50 -3.61 -0.33
C ASP A 63 -27.56 -2.44 -1.30
N CYS A 64 -26.46 -1.69 -1.39
CA CYS A 64 -26.39 -0.54 -2.27
C CYS A 64 -26.01 -0.91 -3.69
N SER A 65 -26.74 -0.35 -4.64
CA SER A 65 -26.47 -0.58 -6.05
C SER A 65 -25.23 0.23 -6.37
N CYS A 66 -24.63 0.01 -7.54
CA CYS A 66 -23.45 0.77 -7.93
C CYS A 66 -23.77 2.27 -8.02
N ALA A 67 -24.97 2.59 -8.47
CA ALA A 67 -25.40 3.97 -8.59
C ALA A 67 -25.50 4.64 -7.23
N LYS A 68 -26.00 3.91 -6.23
CA LYS A 68 -26.13 4.44 -4.88
C LYS A 68 -24.75 4.75 -4.32
N MET A 69 -23.86 3.75 -4.39
CA MET A 69 -22.51 3.87 -3.85
C MET A 69 -21.82 5.13 -4.35
N GLN A 70 -21.90 5.37 -5.66
CA GLN A 70 -21.29 6.54 -6.25
C GLN A 70 -21.92 7.82 -5.68
N ASP A 71 -23.24 7.89 -5.77
CA ASP A 71 -23.96 9.06 -5.26
C ASP A 71 -23.66 9.25 -3.78
N LEU A 72 -23.89 8.19 -3.01
CA LEU A 72 -23.64 8.21 -1.58
C LEU A 72 -22.31 8.90 -1.28
N LEU A 73 -21.26 8.52 -2.00
CA LEU A 73 -19.94 9.11 -1.80
C LEU A 73 -19.78 10.47 -2.46
N LYS A 74 -20.47 10.69 -3.58
CA LYS A 74 -20.34 11.99 -4.25
C LYS A 74 -20.96 13.07 -3.38
N LYS A 75 -22.18 12.83 -2.92
CA LYS A 75 -22.82 13.83 -2.08
C LYS A 75 -22.04 13.99 -0.79
N ALA A 76 -21.54 12.89 -0.25
CA ALA A 76 -20.75 12.96 0.98
C ALA A 76 -19.60 13.95 0.79
N SER A 77 -18.98 13.92 -0.39
CA SER A 77 -17.85 14.80 -0.67
C SER A 77 -18.28 16.23 -0.96
N GLU A 78 -19.58 16.43 -1.20
CA GLU A 78 -20.08 17.77 -1.47
C GLU A 78 -20.43 18.50 -0.18
N GLU A 79 -20.54 17.75 0.92
CA GLU A 79 -20.86 18.33 2.22
C GLU A 79 -19.73 19.26 2.70
N ASP A 80 -19.89 19.83 3.88
CA ASP A 80 -18.90 20.75 4.42
C ASP A 80 -18.23 20.16 5.67
N HIS A 81 -16.98 19.72 5.48
CA HIS A 81 -16.17 19.11 6.53
C HIS A 81 -15.21 20.10 7.19
N THR A 82 -15.58 21.38 7.15
CA THR A 82 -14.74 22.43 7.73
C THR A 82 -14.49 22.20 9.21
N ASN A 83 -15.51 21.72 9.92
CA ASN A 83 -15.36 21.47 11.34
C ASN A 83 -15.07 20.00 11.62
N ALA A 84 -14.77 19.26 10.56
CA ALA A 84 -14.45 17.84 10.68
C ALA A 84 -12.93 17.67 10.68
N ALA A 85 -12.44 16.64 11.36
CA ALA A 85 -11.01 16.38 11.42
C ALA A 85 -10.57 15.49 10.26
N CYS A 86 -11.35 14.44 10.00
CA CYS A 86 -11.02 13.52 8.94
C CYS A 86 -12.28 12.90 8.36
N PHE A 87 -12.12 11.81 7.62
CA PHE A 87 -13.25 11.14 6.98
C PHE A 87 -12.93 9.67 6.76
N ALA A 88 -13.92 8.81 7.00
CA ALA A 88 -13.70 7.38 6.83
C ALA A 88 -14.88 6.73 6.12
N CYS A 89 -14.56 5.74 5.30
CA CYS A 89 -15.55 4.98 4.54
C CYS A 89 -15.16 3.52 4.67
N ILE A 90 -16.14 2.68 4.97
CA ILE A 90 -15.91 1.26 5.12
C ILE A 90 -16.75 0.58 4.05
N LEU A 91 -16.14 -0.31 3.29
CA LEU A 91 -16.84 -1.03 2.22
C LEU A 91 -16.86 -2.51 2.52
N LEU A 92 -18.04 -3.11 2.55
CA LEU A 92 -18.17 -4.54 2.80
C LEU A 92 -18.92 -5.08 1.59
N SER A 93 -18.28 -6.00 0.85
CA SER A 93 -18.90 -6.55 -0.34
C SER A 93 -18.04 -7.60 -1.04
N HIS A 94 -18.56 -8.22 -2.09
CA HIS A 94 -17.79 -9.19 -2.86
C HIS A 94 -16.87 -8.29 -3.65
N GLY A 95 -15.75 -8.80 -4.11
CA GLY A 95 -14.86 -7.95 -4.86
C GLY A 95 -14.01 -8.65 -5.90
N GLU A 96 -13.18 -7.85 -6.55
CA GLU A 96 -12.26 -8.34 -7.56
C GLU A 96 -11.20 -7.27 -7.74
N GLU A 97 -10.02 -7.68 -8.16
CA GLU A 97 -8.90 -6.75 -8.38
C GLU A 97 -9.36 -5.35 -8.78
N ASN A 98 -9.12 -4.37 -7.91
CA ASN A 98 -9.47 -2.96 -8.15
C ASN A 98 -10.97 -2.78 -8.31
N VAL A 99 -11.74 -3.69 -7.74
CA VAL A 99 -13.17 -3.61 -7.93
C VAL A 99 -14.03 -4.11 -6.78
N ILE A 100 -15.12 -3.39 -6.50
CA ILE A 100 -16.05 -3.84 -5.46
C ILE A 100 -17.43 -4.00 -6.10
N TYR A 101 -18.17 -4.98 -5.60
CA TYR A 101 -19.49 -5.26 -6.11
C TYR A 101 -20.57 -4.47 -5.45
N GLY A 102 -21.48 -3.95 -6.27
CA GLY A 102 -22.65 -3.25 -5.76
C GLY A 102 -23.64 -4.41 -5.74
N LYS A 103 -24.93 -4.17 -5.61
CA LYS A 103 -25.84 -5.31 -5.60
C LYS A 103 -26.14 -5.75 -7.03
N ASP A 104 -26.09 -4.79 -7.95
CA ASP A 104 -26.40 -5.05 -9.36
C ASP A 104 -25.19 -5.24 -10.28
N GLY A 105 -24.03 -4.76 -9.86
CA GLY A 105 -22.85 -4.89 -10.71
C GLY A 105 -21.55 -4.59 -9.99
N VAL A 106 -20.51 -4.33 -10.78
CA VAL A 106 -19.18 -4.04 -10.27
C VAL A 106 -18.84 -2.56 -10.46
N THR A 107 -17.97 -2.03 -9.59
CA THR A 107 -17.57 -0.63 -9.67
C THR A 107 -16.10 -0.49 -9.29
N PRO A 108 -15.33 0.24 -10.10
CA PRO A 108 -13.93 0.38 -9.72
C PRO A 108 -13.82 1.19 -8.43
N ILE A 109 -12.93 0.76 -7.56
CA ILE A 109 -12.71 1.40 -6.29
C ILE A 109 -12.22 2.83 -6.48
N LYS A 110 -11.48 3.06 -7.56
CA LYS A 110 -10.94 4.39 -7.81
C LYS A 110 -11.97 5.47 -8.15
N ASP A 111 -13.15 5.06 -8.60
CA ASP A 111 -14.19 6.04 -8.95
C ASP A 111 -14.91 6.52 -7.69
N LEU A 112 -14.95 5.67 -6.67
CA LEU A 112 -15.58 6.00 -5.40
C LEU A 112 -14.72 7.00 -4.65
N THR A 113 -13.42 6.68 -4.55
CA THR A 113 -12.45 7.51 -3.84
C THR A 113 -12.11 8.83 -4.55
N ALA A 114 -12.32 8.88 -5.86
CA ALA A 114 -12.01 10.07 -6.65
C ALA A 114 -12.77 11.33 -6.23
N HIS A 115 -13.93 11.15 -5.62
CA HIS A 115 -14.75 12.28 -5.18
C HIS A 115 -14.08 13.16 -4.13
N PHE A 116 -13.03 12.63 -3.50
CA PHE A 116 -12.33 13.36 -2.44
C PHE A 116 -10.97 13.88 -2.85
N ARG A 117 -10.65 13.74 -4.13
CA ARG A 117 -9.37 14.17 -4.65
C ARG A 117 -9.25 15.68 -4.91
N GLY A 118 -8.45 16.35 -4.08
CA GLY A 118 -8.24 17.78 -4.22
C GLY A 118 -9.44 18.69 -4.47
N ALA A 119 -9.45 19.31 -5.64
CA ALA A 119 -10.52 20.22 -6.03
C ALA A 119 -11.94 19.69 -5.82
N ARG A 120 -12.12 18.38 -5.81
CA ARG A 120 -13.46 17.81 -5.62
C ARG A 120 -13.95 17.79 -4.17
N CYS A 121 -13.18 18.35 -3.26
CA CYS A 121 -13.57 18.36 -1.85
C CYS A 121 -12.56 19.14 -1.03
N LYS A 122 -12.48 20.45 -1.29
CA LYS A 122 -11.54 21.34 -0.62
C LYS A 122 -11.65 21.31 0.90
N THR A 123 -12.82 20.90 1.39
CA THR A 123 -13.07 20.84 2.82
C THR A 123 -12.22 19.82 3.55
N LEU A 124 -11.81 18.77 2.83
CA LEU A 124 -10.99 17.73 3.43
C LEU A 124 -9.50 17.82 3.10
N LEU A 125 -9.12 18.78 2.26
CA LEU A 125 -7.71 18.94 1.92
C LEU A 125 -6.89 19.02 3.20
N GLU A 126 -5.74 18.36 3.19
CA GLU A 126 -4.82 18.31 4.32
C GLU A 126 -5.35 17.55 5.53
N LYS A 127 -6.43 16.79 5.31
CA LYS A 127 -7.04 15.98 6.35
C LYS A 127 -7.06 14.51 5.89
N PRO A 128 -6.95 13.57 6.84
CA PRO A 128 -6.97 12.15 6.50
C PRO A 128 -8.27 11.60 5.93
N LYS A 129 -8.15 10.81 4.87
CA LYS A 129 -9.29 10.17 4.22
C LYS A 129 -9.00 8.66 4.28
N LEU A 130 -9.74 7.98 5.15
CA LEU A 130 -9.56 6.55 5.38
C LEU A 130 -10.56 5.66 4.67
N PHE A 131 -10.05 4.70 3.92
CA PHE A 131 -10.92 3.74 3.24
C PHE A 131 -10.61 2.33 3.70
N PHE A 132 -11.53 1.74 4.46
CA PHE A 132 -11.34 0.37 4.94
C PHE A 132 -12.09 -0.48 3.95
N ILE A 133 -11.43 -1.48 3.37
CA ILE A 133 -12.08 -2.29 2.35
C ILE A 133 -12.05 -3.79 2.55
N GLN A 134 -13.19 -4.35 2.94
CA GLN A 134 -13.33 -5.79 3.17
C GLN A 134 -14.03 -6.39 1.94
N ALA A 135 -13.22 -6.80 0.98
CA ALA A 135 -13.73 -7.38 -0.27
C ALA A 135 -12.62 -8.20 -0.92
N CYS A 136 -13.02 -9.22 -1.69
CA CYS A 136 -12.05 -10.09 -2.38
C CYS A 136 -11.26 -9.24 -3.38
N ARG A 137 -10.09 -9.72 -3.78
CA ARG A 137 -9.27 -8.99 -4.75
C ARG A 137 -8.73 -10.01 -5.74
N GLY A 138 -9.47 -11.11 -5.87
CA GLY A 138 -9.08 -12.19 -6.75
C GLY A 138 -9.44 -13.48 -6.03
N THR A 139 -9.02 -14.62 -6.57
CA THR A 139 -9.35 -15.89 -5.95
C THR A 139 -8.17 -16.70 -5.43
N GLU A 140 -7.00 -16.10 -5.37
CA GLU A 140 -5.82 -16.81 -4.87
C GLU A 140 -6.00 -17.14 -3.40
N LEU A 141 -5.41 -18.24 -2.97
CA LEU A 141 -5.49 -18.66 -1.59
C LEU A 141 -4.06 -18.80 -1.07
N ASP A 142 -3.81 -18.31 0.14
CA ASP A 142 -2.49 -18.38 0.75
C ASP A 142 -2.40 -19.72 1.48
N ASP A 143 -1.51 -20.59 1.04
CA ASP A 143 -1.37 -21.90 1.68
C ASP A 143 -0.67 -21.83 3.05
N GLY A 144 0.15 -20.80 3.27
CA GLY A 144 0.84 -20.69 4.54
C GLY A 144 2.18 -21.39 4.50
N ILE A 145 2.99 -21.21 5.53
CA ILE A 145 4.30 -21.83 5.55
C ILE A 145 4.76 -22.13 6.97
N GLN A 146 5.64 -23.11 7.10
CA GLN A 146 6.20 -23.53 8.38
C GLN A 146 5.13 -23.84 9.41
N LYS B 14 1.31 24.64 -2.33
CA LYS B 14 0.59 23.59 -3.12
C LYS B 14 0.88 22.17 -2.64
N ILE B 15 -0.17 21.36 -2.55
CA ILE B 15 -0.04 19.97 -2.13
C ILE B 15 -0.57 19.03 -3.21
N PRO B 16 -0.10 17.77 -3.23
CA PRO B 16 -0.54 16.80 -4.23
C PRO B 16 -1.98 16.38 -3.98
N VAL B 17 -2.76 16.28 -5.05
CA VAL B 17 -4.16 15.89 -4.93
C VAL B 17 -4.33 14.43 -4.52
N GLU B 18 -3.26 13.64 -4.64
CA GLU B 18 -3.31 12.23 -4.27
C GLU B 18 -2.91 11.99 -2.81
N ALA B 19 -2.41 13.02 -2.15
CA ALA B 19 -1.97 12.91 -0.76
C ALA B 19 -3.09 12.72 0.27
N ASP B 20 -2.68 12.35 1.48
CA ASP B 20 -3.59 12.17 2.60
C ASP B 20 -4.71 11.14 2.45
N PHE B 21 -4.45 10.07 1.71
CA PHE B 21 -5.41 8.99 1.57
C PHE B 21 -4.78 7.76 2.21
N LEU B 22 -5.59 6.90 2.80
CA LEU B 22 -5.05 5.68 3.38
C LEU B 22 -6.03 4.55 3.15
N PHE B 23 -5.53 3.43 2.64
CA PHE B 23 -6.39 2.30 2.39
C PHE B 23 -6.01 1.11 3.25
N ALA B 24 -7.01 0.53 3.89
CA ALA B 24 -6.81 -0.64 4.72
C ALA B 24 -7.60 -1.75 4.04
N TYR B 25 -6.91 -2.58 3.27
CA TYR B 25 -7.51 -3.71 2.55
C TYR B 25 -7.47 -4.96 3.42
N SER B 26 -8.52 -5.78 3.34
CA SER B 26 -8.56 -7.01 4.13
C SER B 26 -7.57 -8.08 3.67
N THR B 27 -7.17 -8.02 2.39
CA THR B 27 -6.21 -8.98 1.81
C THR B 27 -5.32 -8.30 0.79
N VAL B 28 -4.23 -8.99 0.47
CA VAL B 28 -3.25 -8.53 -0.50
C VAL B 28 -3.84 -8.70 -1.90
N PRO B 29 -3.32 -7.95 -2.89
CA PRO B 29 -3.82 -8.02 -4.28
C PRO B 29 -3.83 -9.44 -4.87
N GLY B 30 -4.94 -9.79 -5.51
CA GLY B 30 -5.06 -11.09 -6.12
C GLY B 30 -5.62 -12.21 -5.26
N TYR B 31 -5.62 -12.05 -3.94
CA TYR B 31 -6.12 -13.10 -3.07
C TYR B 31 -7.59 -13.05 -2.67
N TYR B 32 -8.00 -14.07 -1.93
CA TYR B 32 -9.38 -14.22 -1.45
C TYR B 32 -9.43 -13.66 -0.02
N SER B 33 -10.58 -13.15 0.39
CA SER B 33 -10.75 -12.60 1.74
C SER B 33 -11.70 -13.50 2.52
N TRP B 34 -11.27 -13.99 3.68
CA TRP B 34 -12.08 -14.90 4.49
C TRP B 34 -13.09 -14.33 5.49
N ARG B 35 -14.07 -15.16 5.80
CA ARG B 35 -15.12 -14.84 6.76
C ARG B 35 -15.83 -16.12 7.17
N SER B 36 -16.41 -16.11 8.36
CA SER B 36 -17.16 -17.25 8.87
C SER B 36 -18.57 -16.74 9.14
N PRO B 37 -19.58 -17.36 8.53
CA PRO B 37 -20.96 -16.92 8.73
C PRO B 37 -21.33 -16.77 10.21
N GLY B 38 -20.52 -17.38 11.08
CA GLY B 38 -20.78 -17.30 12.50
C GLY B 38 -20.16 -16.11 13.23
N ARG B 39 -18.94 -15.72 12.83
CA ARG B 39 -18.27 -14.59 13.48
C ARG B 39 -17.99 -13.41 12.55
N GLY B 40 -18.09 -13.63 11.24
CA GLY B 40 -17.83 -12.55 10.29
C GLY B 40 -16.42 -12.58 9.72
N SER B 41 -16.06 -11.55 8.95
CA SER B 41 -14.74 -11.44 8.34
C SER B 41 -13.58 -11.50 9.33
N TRP B 42 -12.46 -12.07 8.89
CA TRP B 42 -11.28 -12.16 9.73
C TRP B 42 -10.77 -10.74 9.95
N PHE B 43 -10.66 -10.00 8.85
CA PHE B 43 -10.18 -8.63 8.88
C PHE B 43 -10.95 -7.73 9.84
N VAL B 44 -12.28 -7.80 9.77
CA VAL B 44 -13.12 -6.99 10.63
C VAL B 44 -13.06 -7.42 12.10
N GLN B 45 -13.16 -8.72 12.36
CA GLN B 45 -13.10 -9.18 13.75
C GLN B 45 -11.86 -8.61 14.41
N ALA B 46 -10.73 -8.67 13.69
CA ALA B 46 -9.46 -8.18 14.20
C ALA B 46 -9.34 -6.65 14.26
N LEU B 47 -9.92 -5.95 13.29
CA LEU B 47 -9.85 -4.49 13.28
C LEU B 47 -10.60 -3.98 14.51
N CYS B 48 -11.80 -4.48 14.70
CA CYS B 48 -12.62 -4.07 15.83
C CYS B 48 -11.96 -4.38 17.15
N SER B 49 -11.40 -5.58 17.27
CA SER B 49 -10.75 -5.98 18.50
C SER B 49 -9.56 -5.07 18.86
N ILE B 50 -8.71 -4.77 17.89
CA ILE B 50 -7.55 -3.91 18.12
C ILE B 50 -8.01 -2.49 18.41
N LEU B 51 -8.95 -2.00 17.61
CA LEU B 51 -9.47 -0.66 17.81
C LEU B 51 -10.18 -0.55 19.16
N GLU B 52 -10.83 -1.63 19.56
CA GLU B 52 -11.55 -1.64 20.84
C GLU B 52 -10.58 -1.53 22.01
N GLU B 53 -9.33 -1.95 21.81
CA GLU B 53 -8.33 -1.91 22.88
C GLU B 53 -7.28 -0.82 22.78
N HIS B 54 -7.03 -0.31 21.58
CA HIS B 54 -6.00 0.72 21.40
C HIS B 54 -6.46 1.87 20.51
N GLY B 55 -7.71 1.82 20.07
CA GLY B 55 -8.21 2.87 19.21
C GLY B 55 -7.85 4.27 19.66
N LYS B 56 -7.85 4.52 20.96
CA LYS B 56 -7.55 5.85 21.44
C LYS B 56 -6.14 6.08 21.98
N ASP B 57 -5.28 5.07 21.93
CA ASP B 57 -3.92 5.23 22.42
C ASP B 57 -2.82 5.14 21.35
N LEU B 58 -3.05 4.37 20.30
CA LEU B 58 -2.04 4.19 19.27
C LEU B 58 -2.30 4.91 17.94
N GLU B 59 -1.22 5.10 17.20
CA GLU B 59 -1.24 5.75 15.89
C GLU B 59 -1.84 4.78 14.86
N ILE B 60 -2.53 5.33 13.86
CA ILE B 60 -3.19 4.53 12.83
C ILE B 60 -2.36 3.35 12.28
N MET B 61 -1.08 3.59 11.97
CA MET B 61 -0.22 2.52 11.44
C MET B 61 0.14 1.46 12.49
N GLN B 62 0.18 1.83 13.76
CA GLN B 62 0.46 0.84 14.81
C GLN B 62 -0.75 -0.08 14.91
N ILE B 63 -1.94 0.52 14.88
CA ILE B 63 -3.19 -0.23 14.92
C ILE B 63 -3.21 -1.24 13.78
N LEU B 64 -3.18 -0.73 12.55
CA LEU B 64 -3.23 -1.57 11.37
C LEU B 64 -2.12 -2.58 11.33
N THR B 65 -0.94 -2.21 11.81
CA THR B 65 0.15 -3.16 11.83
C THR B 65 -0.21 -4.31 12.79
N ARG B 66 -0.87 -3.99 13.90
CA ARG B 66 -1.28 -5.03 14.86
C ARG B 66 -2.41 -5.87 14.31
N VAL B 67 -3.23 -5.27 13.45
CA VAL B 67 -4.32 -6.02 12.84
C VAL B 67 -3.68 -7.03 11.90
N ASN B 68 -2.66 -6.59 11.16
CA ASN B 68 -1.93 -7.47 10.24
C ASN B 68 -1.42 -8.70 10.96
N ASP B 69 -0.83 -8.51 12.13
CA ASP B 69 -0.29 -9.62 12.92
C ASP B 69 -1.40 -10.56 13.45
N ARG B 70 -2.45 -9.97 14.00
CA ARG B 70 -3.58 -10.71 14.55
C ARG B 70 -4.24 -11.65 13.54
N VAL B 71 -4.49 -11.17 12.33
CA VAL B 71 -5.14 -12.00 11.32
C VAL B 71 -4.15 -12.98 10.67
N ALA B 72 -2.86 -12.68 10.78
CA ALA B 72 -1.84 -13.53 10.21
C ALA B 72 -1.60 -14.72 11.12
N ARG B 73 -1.48 -14.45 12.42
CA ARG B 73 -1.23 -15.49 13.40
C ARG B 73 -2.44 -16.23 13.97
N HIS B 74 -3.50 -15.51 14.31
CA HIS B 74 -4.67 -16.14 14.93
C HIS B 74 -5.81 -16.63 14.05
N PHE B 75 -5.64 -16.63 12.74
CA PHE B 75 -6.70 -17.11 11.86
C PHE B 75 -6.19 -18.14 10.86
N GLU B 76 -7.01 -19.15 10.62
CA GLU B 76 -6.68 -20.23 9.69
C GLU B 76 -8.00 -20.90 9.32
N SER B 77 -8.25 -21.05 8.03
CA SER B 77 -9.50 -21.63 7.56
C SER B 77 -9.71 -23.12 7.80
N GLN B 78 -10.91 -23.56 7.44
CA GLN B 78 -11.35 -24.95 7.55
C GLN B 78 -12.53 -25.12 6.60
N SER B 79 -12.56 -26.25 5.88
CA SER B 79 -13.64 -26.51 4.94
C SER B 79 -13.72 -28.02 4.66
N ASP B 80 -14.93 -28.51 4.41
CA ASP B 80 -15.11 -29.93 4.11
C ASP B 80 -14.28 -30.22 2.87
N ASP B 81 -14.28 -29.26 1.95
CA ASP B 81 -13.51 -29.39 0.71
C ASP B 81 -12.03 -29.25 1.07
N PRO B 82 -11.18 -30.10 0.49
CA PRO B 82 -9.74 -30.04 0.79
C PRO B 82 -9.04 -28.84 0.16
N HIS B 83 -9.55 -28.39 -0.98
CA HIS B 83 -8.96 -27.26 -1.70
C HIS B 83 -9.16 -25.91 -1.00
N PHE B 84 -9.81 -25.92 0.16
CA PHE B 84 -10.06 -24.68 0.91
C PHE B 84 -9.71 -24.82 2.39
N HIS B 85 -9.07 -25.92 2.75
CA HIS B 85 -8.71 -26.19 4.14
C HIS B 85 -7.35 -25.66 4.58
N GLU B 86 -7.29 -25.17 5.82
CA GLU B 86 -6.08 -24.64 6.44
C GLU B 86 -5.36 -23.47 5.76
N LYS B 87 -6.10 -22.65 5.01
CA LYS B 87 -5.54 -21.49 4.32
C LYS B 87 -5.31 -20.29 5.23
N LYS B 88 -4.48 -19.34 4.78
CA LYS B 88 -4.14 -18.15 5.56
C LYS B 88 -4.45 -16.85 4.82
N GLN B 89 -4.24 -15.73 5.51
CA GLN B 89 -4.49 -14.41 4.95
C GLN B 89 -3.69 -13.32 5.65
N ILE B 90 -3.34 -12.28 4.89
CA ILE B 90 -2.59 -11.14 5.42
C ILE B 90 -3.17 -9.85 4.83
N PRO B 91 -3.55 -8.88 5.68
CA PRO B 91 -4.11 -7.61 5.23
C PRO B 91 -3.06 -6.76 4.52
N CYS B 92 -3.54 -5.80 3.74
CA CYS B 92 -2.67 -4.92 2.98
C CYS B 92 -2.97 -3.44 3.28
N VAL B 93 -1.97 -2.69 3.75
CA VAL B 93 -2.19 -1.27 4.05
C VAL B 93 -1.45 -0.31 3.12
N VAL B 94 -2.21 0.52 2.43
CA VAL B 94 -1.63 1.49 1.50
C VAL B 94 -1.79 2.90 2.09
N SER B 95 -0.67 3.53 2.44
CA SER B 95 -0.72 4.86 3.00
C SER B 95 -0.06 5.96 2.17
N MET B 96 -0.80 7.03 1.97
CA MET B 96 -0.31 8.21 1.25
C MET B 96 -0.44 9.34 2.26
N LEU B 97 -0.47 8.98 3.54
CA LEU B 97 -0.59 9.93 4.64
C LEU B 97 0.69 10.72 4.82
N THR B 98 0.55 11.97 5.29
CA THR B 98 1.72 12.83 5.52
C THR B 98 2.04 13.12 6.98
N LYS B 99 1.19 12.63 7.88
CA LYS B 99 1.39 12.84 9.32
C LYS B 99 0.93 11.63 10.12
N GLU B 100 1.24 11.60 11.40
CA GLU B 100 0.80 10.51 12.24
C GLU B 100 -0.65 10.81 12.59
N LEU B 101 -1.47 9.76 12.70
CA LEU B 101 -2.88 9.94 12.99
C LEU B 101 -3.32 9.28 14.28
N TYR B 102 -3.78 10.09 15.23
CA TYR B 102 -4.26 9.61 16.52
C TYR B 102 -5.74 9.97 16.63
N PHE B 103 -6.57 9.04 17.08
CA PHE B 103 -7.99 9.34 17.19
C PHE B 103 -8.35 10.06 18.47
N SER B 104 -7.41 10.09 19.41
CA SER B 104 -7.62 10.78 20.67
C SER B 104 -7.53 12.29 20.40
N GLN B 105 -8.71 12.92 20.27
CA GLN B 105 -8.78 14.37 19.99
C GLN B 105 -8.34 15.23 21.17
N TYR C 8 4.24 -5.05 19.72
CA TYR C 8 5.62 -5.59 19.59
C TYR C 8 6.38 -5.18 18.32
N GLN C 9 7.69 -5.36 18.34
CA GLN C 9 8.54 -5.05 17.20
C GLN C 9 9.34 -6.26 16.77
N TYR C 10 9.88 -6.18 15.57
CA TYR C 10 10.70 -7.26 15.03
C TYR C 10 11.96 -7.40 15.85
N ASN C 11 12.37 -8.64 16.03
CA ASN C 11 13.58 -8.95 16.78
C ASN C 11 14.83 -8.56 15.99
N MET C 12 15.65 -7.67 16.55
CA MET C 12 16.86 -7.23 15.85
C MET C 12 18.14 -7.77 16.48
N ASN C 13 18.05 -8.85 17.25
CA ASN C 13 19.24 -9.42 17.87
C ASN C 13 19.86 -10.51 17.03
N PHE C 14 20.52 -10.10 15.96
CA PHE C 14 21.20 -11.02 15.06
C PHE C 14 22.60 -10.49 14.80
N GLU C 15 23.51 -11.36 14.35
CA GLU C 15 24.89 -10.97 14.06
C GLU C 15 24.88 -9.74 13.18
N LYS C 16 24.02 -9.75 12.18
CA LYS C 16 23.92 -8.64 11.26
C LYS C 16 22.49 -8.24 10.95
N LEU C 17 22.33 -6.99 10.50
CA LEU C 17 21.03 -6.42 10.14
C LEU C 17 20.53 -7.06 8.86
N GLY C 18 21.44 -7.32 7.94
CA GLY C 18 21.04 -7.95 6.69
C GLY C 18 21.69 -7.35 5.46
N LYS C 19 21.25 -7.84 4.31
CA LYS C 19 21.77 -7.40 3.02
C LYS C 19 20.89 -6.36 2.34
N CYS C 20 21.52 -5.35 1.74
CA CYS C 20 20.81 -4.30 1.01
C CYS C 20 21.32 -4.28 -0.43
N ILE C 21 20.49 -4.76 -1.36
CA ILE C 21 20.87 -4.81 -2.77
C ILE C 21 20.35 -3.59 -3.52
N ILE C 22 21.26 -2.86 -4.18
CA ILE C 22 20.85 -1.69 -4.96
C ILE C 22 21.05 -1.91 -6.46
N ILE C 23 19.95 -1.82 -7.21
CA ILE C 23 19.97 -1.99 -8.66
C ILE C 23 19.85 -0.60 -9.31
N ASN C 24 20.97 -0.10 -9.83
CA ASN C 24 21.03 1.22 -10.43
C ASN C 24 21.04 1.17 -11.96
N ASN C 25 19.86 1.30 -12.57
CA ASN C 25 19.78 1.26 -14.01
C ASN C 25 19.71 2.67 -14.58
N LYS C 26 20.77 3.04 -15.29
CA LYS C 26 20.89 4.36 -15.88
C LYS C 26 20.83 4.39 -17.41
N ASN C 27 21.49 3.44 -18.05
CA ASN C 27 21.53 3.37 -19.51
C ASN C 27 20.75 2.18 -20.01
N PHE C 28 19.90 2.42 -20.99
CA PHE C 28 19.09 1.36 -21.57
C PHE C 28 19.39 1.18 -23.05
N ASP C 29 19.23 -0.04 -23.54
CA ASP C 29 19.48 -0.34 -24.95
C ASP C 29 18.66 0.56 -25.86
N LYS C 30 19.24 0.88 -27.01
CA LYS C 30 18.63 1.73 -28.04
C LYS C 30 17.20 1.31 -28.34
N VAL C 31 17.01 0.00 -28.53
CA VAL C 31 15.71 -0.58 -28.83
C VAL C 31 14.57 -0.07 -27.96
N THR C 32 14.60 -0.41 -26.68
CA THR C 32 13.56 -0.01 -25.74
C THR C 32 13.08 1.44 -25.88
N GLY C 33 13.92 2.30 -26.47
CA GLY C 33 13.54 3.69 -26.65
C GLY C 33 13.59 4.52 -25.36
N MET C 34 13.85 3.86 -24.23
CA MET C 34 13.93 4.53 -22.94
C MET C 34 15.16 5.41 -22.78
N GLY C 35 14.98 6.63 -22.27
CA GLY C 35 16.09 7.54 -22.09
C GLY C 35 17.07 7.26 -20.95
N VAL C 36 18.14 8.05 -20.90
CA VAL C 36 19.17 7.95 -19.87
C VAL C 36 18.63 8.60 -18.61
N ARG C 37 18.82 7.95 -17.47
CA ARG C 37 18.31 8.48 -16.23
C ARG C 37 19.35 9.30 -15.48
N ASN C 38 19.50 10.56 -15.90
CA ASN C 38 20.45 11.46 -15.30
C ASN C 38 20.02 11.85 -13.89
N GLY C 39 20.94 11.72 -12.95
CA GLY C 39 20.66 12.03 -11.57
C GLY C 39 20.56 10.74 -10.76
N THR C 40 20.55 9.60 -11.45
CA THR C 40 20.45 8.32 -10.77
C THR C 40 21.75 7.88 -10.12
N ASP C 41 22.88 8.38 -10.59
CA ASP C 41 24.15 8.01 -9.95
C ASP C 41 24.25 8.73 -8.60
N LYS C 42 23.61 9.89 -8.50
CA LYS C 42 23.59 10.64 -7.25
C LYS C 42 22.73 9.87 -6.26
N ASP C 43 21.62 9.33 -6.76
CA ASP C 43 20.72 8.56 -5.91
C ASP C 43 21.43 7.36 -5.32
N ALA C 44 22.02 6.54 -6.18
CA ALA C 44 22.72 5.35 -5.76
C ALA C 44 23.82 5.69 -4.76
N GLU C 45 24.50 6.82 -4.97
CA GLU C 45 25.55 7.21 -4.05
C GLU C 45 24.99 7.52 -2.67
N ALA C 46 23.91 8.29 -2.64
CA ALA C 46 23.27 8.68 -1.39
C ALA C 46 22.72 7.45 -0.65
N LEU C 47 21.99 6.60 -1.37
CA LEU C 47 21.39 5.40 -0.80
C LEU C 47 22.43 4.44 -0.23
N PHE C 48 23.51 4.21 -0.97
CA PHE C 48 24.52 3.30 -0.48
C PHE C 48 25.12 3.88 0.81
N LYS C 49 25.50 5.14 0.75
CA LYS C 49 26.08 5.80 1.92
C LYS C 49 25.15 5.70 3.13
N CYS C 50 23.86 5.87 2.89
CA CYS C 50 22.84 5.86 3.93
C CYS C 50 22.49 4.50 4.54
N PHE C 51 22.26 3.51 3.69
CA PHE C 51 21.93 2.19 4.19
C PHE C 51 23.11 1.49 4.83
N ARG C 52 24.31 1.94 4.49
CA ARG C 52 25.53 1.36 5.07
C ARG C 52 25.61 1.79 6.54
N SER C 53 25.35 3.06 6.82
CA SER C 53 25.40 3.54 8.19
C SER C 53 24.28 2.95 9.05
N LEU C 54 23.14 2.64 8.45
CA LEU C 54 22.06 2.02 9.21
C LEU C 54 22.59 0.66 9.68
N GLY C 55 23.57 0.12 8.94
CA GLY C 55 24.12 -1.16 9.33
C GLY C 55 24.00 -2.29 8.30
N PHE C 56 23.37 -2.01 7.16
CA PHE C 56 23.22 -3.02 6.08
C PHE C 56 24.55 -3.32 5.36
N ASP C 57 24.60 -4.49 4.72
CA ASP C 57 25.76 -4.89 3.91
C ASP C 57 25.31 -4.54 2.48
N VAL C 58 25.70 -3.36 2.02
CA VAL C 58 25.31 -2.82 0.71
C VAL C 58 26.10 -3.29 -0.51
N ILE C 59 25.37 -3.65 -1.56
CA ILE C 59 25.97 -4.10 -2.80
C ILE C 59 25.28 -3.32 -3.90
N VAL C 60 26.05 -2.66 -4.76
CA VAL C 60 25.47 -1.87 -5.85
C VAL C 60 25.70 -2.48 -7.23
N TYR C 61 24.61 -2.74 -7.94
CA TYR C 61 24.68 -3.31 -9.29
C TYR C 61 24.26 -2.24 -10.29
N ASN C 62 24.92 -2.21 -11.44
CA ASN C 62 24.61 -1.20 -12.45
C ASN C 62 24.19 -1.68 -13.85
N ASP C 63 23.26 -0.95 -14.47
CA ASP C 63 22.74 -1.27 -15.80
C ASP C 63 22.50 -2.78 -15.95
N CYS C 64 21.63 -3.33 -15.11
CA CYS C 64 21.32 -4.75 -15.14
C CYS C 64 20.26 -5.14 -16.16
N SER C 65 20.48 -6.25 -16.85
CA SER C 65 19.50 -6.76 -17.82
C SER C 65 18.37 -7.42 -17.06
N CYS C 66 17.28 -7.76 -17.75
CA CYS C 66 16.18 -8.41 -17.06
C CYS C 66 16.62 -9.75 -16.50
N ALA C 67 17.53 -10.42 -17.21
CA ALA C 67 18.05 -11.71 -16.77
C ALA C 67 18.85 -11.57 -15.48
N LYS C 68 19.78 -10.61 -15.45
CA LYS C 68 20.60 -10.37 -14.27
C LYS C 68 19.73 -10.09 -13.05
N MET C 69 18.79 -9.16 -13.20
CA MET C 69 17.92 -8.80 -12.08
C MET C 69 17.21 -10.00 -11.44
N GLN C 70 16.70 -10.91 -12.27
CA GLN C 70 16.01 -12.09 -11.75
C GLN C 70 17.04 -13.00 -11.06
N ASP C 71 18.13 -13.29 -11.76
CA ASP C 71 19.20 -14.14 -11.24
C ASP C 71 19.76 -13.59 -9.93
N LEU C 72 20.05 -12.30 -9.96
CA LEU C 72 20.59 -11.56 -8.83
C LEU C 72 19.77 -11.82 -7.57
N LEU C 73 18.47 -11.56 -7.68
CA LEU C 73 17.57 -11.73 -6.58
C LEU C 73 17.31 -13.20 -6.23
N LYS C 74 17.25 -14.08 -7.24
CA LYS C 74 17.02 -15.50 -6.96
C LYS C 74 18.12 -16.07 -6.11
N LYS C 75 19.37 -15.78 -6.50
CA LYS C 75 20.52 -16.28 -5.76
C LYS C 75 20.70 -15.59 -4.42
N ALA C 76 20.10 -14.42 -4.26
CA ALA C 76 20.20 -13.70 -2.99
C ALA C 76 19.23 -14.37 -2.02
N SER C 77 18.10 -14.85 -2.55
CA SER C 77 17.10 -15.52 -1.74
C SER C 77 17.51 -16.95 -1.38
N GLU C 78 18.55 -17.47 -2.06
CA GLU C 78 19.02 -18.83 -1.81
C GLU C 78 20.12 -18.87 -0.76
N GLU C 79 20.54 -17.69 -0.32
CA GLU C 79 21.58 -17.59 0.70
C GLU C 79 20.99 -17.94 2.06
N ASP C 80 21.85 -18.03 3.06
CA ASP C 80 21.42 -18.36 4.41
C ASP C 80 21.32 -17.08 5.24
N HIS C 81 20.11 -16.59 5.41
CA HIS C 81 19.86 -15.35 6.14
C HIS C 81 19.57 -15.62 7.61
N THR C 82 19.83 -16.85 8.04
CA THR C 82 19.59 -17.23 9.42
C THR C 82 20.07 -16.19 10.41
N ASN C 83 21.28 -15.69 10.19
CA ASN C 83 21.85 -14.69 11.10
C ASN C 83 21.62 -13.25 10.71
N ALA C 84 20.56 -13.03 9.92
CA ALA C 84 20.19 -11.70 9.46
C ALA C 84 18.86 -11.26 10.06
N ALA C 85 18.74 -9.97 10.37
CA ALA C 85 17.52 -9.43 10.96
C ALA C 85 16.45 -9.16 9.91
N CYS C 86 16.88 -8.66 8.75
CA CYS C 86 15.96 -8.37 7.67
C CYS C 86 16.67 -8.35 6.33
N PHE C 87 15.97 -7.86 5.32
CA PHE C 87 16.52 -7.78 3.98
C PHE C 87 15.95 -6.55 3.30
N ALA C 88 16.77 -5.88 2.50
CA ALA C 88 16.30 -4.69 1.79
C ALA C 88 16.78 -4.71 0.33
N CYS C 89 15.96 -4.15 -0.54
CA CYS C 89 16.29 -4.10 -1.94
C CYS C 89 15.78 -2.79 -2.52
N ILE C 90 16.67 -2.02 -3.12
CA ILE C 90 16.30 -0.74 -3.70
C ILE C 90 16.36 -0.80 -5.21
N LEU C 91 15.26 -0.49 -5.88
CA LEU C 91 15.21 -0.52 -7.33
C LEU C 91 15.18 0.89 -7.92
N LEU C 92 16.13 1.19 -8.80
CA LEU C 92 16.24 2.50 -9.44
C LEU C 92 16.23 2.33 -10.95
N SER C 93 15.07 2.56 -11.58
CA SER C 93 14.99 2.38 -13.02
C SER C 93 13.70 2.97 -13.59
N HIS C 94 13.47 2.74 -14.87
CA HIS C 94 12.25 3.21 -15.53
C HIS C 94 11.20 2.21 -15.11
N GLY C 95 9.93 2.56 -15.32
CA GLY C 95 8.86 1.66 -14.97
C GLY C 95 7.54 2.09 -15.55
N GLU C 96 6.53 1.24 -15.37
CA GLU C 96 5.17 1.47 -15.84
C GLU C 96 4.33 0.68 -14.85
N GLU C 97 3.02 0.81 -14.92
CA GLU C 97 2.14 0.09 -14.01
C GLU C 97 2.53 -1.39 -13.78
N ASN C 98 2.93 -1.72 -12.54
CA ASN C 98 3.31 -3.09 -12.12
C ASN C 98 4.58 -3.68 -12.72
N VAL C 99 5.41 -2.86 -13.35
CA VAL C 99 6.61 -3.37 -14.01
C VAL C 99 7.81 -2.44 -13.89
N ILE C 100 9.02 -3.01 -13.96
CA ILE C 100 10.26 -2.22 -13.93
C ILE C 100 11.12 -2.58 -15.12
N TYR C 101 11.88 -1.62 -15.60
CA TYR C 101 12.76 -1.84 -16.73
C TYR C 101 14.13 -2.38 -16.42
N GLY C 102 14.58 -3.28 -17.29
CA GLY C 102 15.92 -3.82 -17.20
C GLY C 102 16.55 -3.02 -18.33
N LYS C 103 17.85 -3.16 -18.58
CA LYS C 103 18.43 -2.39 -19.65
C LYS C 103 17.91 -2.84 -21.00
N ASP C 104 17.56 -4.12 -21.10
CA ASP C 104 17.07 -4.72 -22.34
C ASP C 104 15.56 -4.94 -22.45
N GLY C 105 14.80 -4.60 -21.40
CA GLY C 105 13.37 -4.81 -21.47
C GLY C 105 12.60 -4.55 -20.18
N VAL C 106 11.47 -5.22 -20.06
CA VAL C 106 10.56 -5.06 -18.94
C VAL C 106 10.35 -6.35 -18.10
N THR C 107 10.27 -6.19 -16.78
CA THR C 107 10.06 -7.31 -15.85
C THR C 107 8.98 -6.98 -14.82
N PRO C 108 8.00 -7.86 -14.63
CA PRO C 108 7.00 -7.49 -13.63
C PRO C 108 7.64 -7.55 -12.24
N ILE C 109 7.33 -6.57 -11.41
CA ILE C 109 7.86 -6.47 -10.06
C ILE C 109 7.51 -7.69 -9.22
N LYS C 110 6.34 -8.25 -9.43
CA LYS C 110 5.91 -9.41 -8.66
C LYS C 110 6.86 -10.61 -8.82
N ASP C 111 7.40 -10.79 -10.03
CA ASP C 111 8.34 -11.88 -10.27
C ASP C 111 9.65 -11.68 -9.53
N LEU C 112 10.00 -10.43 -9.29
CA LEU C 112 11.24 -10.11 -8.58
C LEU C 112 11.10 -10.41 -7.10
N THR C 113 10.01 -9.92 -6.50
CA THR C 113 9.76 -10.11 -5.09
C THR C 113 9.30 -11.54 -4.73
N ALA C 114 8.90 -12.30 -5.74
CA ALA C 114 8.43 -13.67 -5.54
C ALA C 114 9.48 -14.60 -4.95
N HIS C 115 10.75 -14.38 -5.30
CA HIS C 115 11.85 -15.20 -4.81
C HIS C 115 12.00 -15.22 -3.29
N PHE C 116 11.29 -14.34 -2.60
CA PHE C 116 11.40 -14.27 -1.15
C PHE C 116 10.11 -14.70 -0.44
N ARG C 117 9.18 -15.23 -1.21
CA ARG C 117 7.90 -15.66 -0.68
C ARG C 117 7.91 -17.10 -0.14
N GLY C 118 7.49 -17.24 1.12
CA GLY C 118 7.40 -18.54 1.78
C GLY C 118 8.53 -19.55 1.61
N ALA C 119 8.16 -20.77 1.21
CA ALA C 119 9.13 -21.86 1.02
C ALA C 119 10.35 -21.44 0.20
N ARG C 120 10.15 -20.46 -0.67
CA ARG C 120 11.23 -19.98 -1.52
C ARG C 120 12.41 -19.40 -0.76
N CYS C 121 12.19 -19.04 0.51
CA CYS C 121 13.25 -18.46 1.33
C CYS C 121 12.94 -18.62 2.81
N LYS C 122 12.76 -19.88 3.23
CA LYS C 122 12.45 -20.21 4.61
C LYS C 122 13.30 -19.43 5.60
N THR C 123 14.48 -19.04 5.16
CA THR C 123 15.45 -18.32 5.99
C THR C 123 15.09 -16.90 6.39
N LEU C 124 14.22 -16.26 5.61
CA LEU C 124 13.82 -14.89 5.92
C LEU C 124 12.42 -14.83 6.53
N LEU C 125 11.80 -16.00 6.72
CA LEU C 125 10.47 -16.06 7.30
C LEU C 125 10.37 -15.34 8.65
N GLU C 126 9.34 -14.52 8.78
CA GLU C 126 9.08 -13.75 10.00
C GLU C 126 10.03 -12.59 10.14
N LYS C 127 10.78 -12.33 9.08
CA LYS C 127 11.69 -11.21 9.10
C LYS C 127 11.21 -10.22 8.05
N PRO C 128 11.38 -8.92 8.33
CA PRO C 128 10.94 -7.91 7.39
C PRO C 128 11.74 -7.83 6.08
N LYS C 129 11.02 -7.91 4.96
CA LYS C 129 11.61 -7.84 3.62
C LYS C 129 11.16 -6.50 3.05
N LEU C 130 12.10 -5.56 2.93
CA LEU C 130 11.82 -4.20 2.45
C LEU C 130 12.18 -3.93 1.00
N PHE C 131 11.22 -3.39 0.25
CA PHE C 131 11.47 -3.04 -1.14
C PHE C 131 11.20 -1.56 -1.38
N PHE C 132 12.26 -0.81 -1.70
CA PHE C 132 12.11 0.61 -2.00
C PHE C 132 12.18 0.72 -3.53
N ILE C 133 11.16 1.31 -4.13
CA ILE C 133 11.12 1.38 -5.58
C ILE C 133 11.00 2.77 -6.20
N GLN C 134 12.11 3.28 -6.73
CA GLN C 134 12.12 4.58 -7.40
C GLN C 134 11.99 4.30 -8.90
N ALA C 135 10.75 4.36 -9.39
CA ALA C 135 10.45 4.10 -10.80
C ALA C 135 9.04 4.57 -11.13
N CYS C 136 8.85 5.07 -12.34
CA CYS C 136 7.54 5.57 -12.80
C CYS C 136 6.51 4.46 -12.74
N ARG C 137 5.24 4.83 -12.53
CA ARG C 137 4.17 3.85 -12.46
C ARG C 137 3.07 4.24 -13.45
N GLY C 138 3.47 4.98 -14.46
CA GLY C 138 2.53 5.46 -15.46
C GLY C 138 2.99 6.83 -15.88
N THR C 139 2.18 7.53 -16.66
CA THR C 139 2.58 8.85 -17.13
C THR C 139 1.73 10.00 -16.57
N GLU C 140 0.87 9.70 -15.61
CA GLU C 140 0.02 10.71 -14.98
C GLU C 140 0.80 11.76 -14.22
N LEU C 141 0.30 12.99 -14.19
CA LEU C 141 0.98 14.06 -13.50
C LEU C 141 0.05 14.68 -12.45
N ASP C 142 0.53 14.83 -11.23
CA ASP C 142 -0.25 15.41 -10.16
C ASP C 142 -0.11 16.93 -10.29
N ASP C 143 -1.18 17.61 -10.65
CA ASP C 143 -1.13 19.06 -10.84
C ASP C 143 -1.05 19.90 -9.57
N GLY C 144 -1.52 19.36 -8.45
CA GLY C 144 -1.46 20.10 -7.20
C GLY C 144 -2.77 20.79 -6.84
N ILE C 145 -2.78 21.48 -5.71
CA ILE C 145 -3.99 22.16 -5.26
C ILE C 145 -3.68 23.22 -4.21
N GLN C 146 -4.62 24.15 -4.05
CA GLN C 146 -4.54 25.27 -3.09
C GLN C 146 -3.16 25.87 -2.94
N LYS D 14 2.11 -21.32 12.04
CA LYS D 14 1.96 -21.15 10.57
C LYS D 14 1.66 -19.68 10.22
N ILE D 15 2.08 -19.24 9.03
CA ILE D 15 1.87 -17.86 8.60
C ILE D 15 1.73 -17.69 7.08
N PRO D 16 1.14 -16.57 6.65
CA PRO D 16 0.94 -16.29 5.23
C PRO D 16 2.25 -16.08 4.49
N VAL D 17 2.34 -16.59 3.26
CA VAL D 17 3.55 -16.44 2.46
C VAL D 17 3.76 -14.98 2.07
N GLU D 18 2.66 -14.24 1.99
CA GLU D 18 2.68 -12.84 1.61
C GLU D 18 2.90 -11.88 2.78
N ALA D 19 3.22 -12.40 3.94
CA ALA D 19 3.40 -11.53 5.09
C ALA D 19 4.82 -11.04 5.24
N ASP D 20 4.97 -9.94 5.97
CA ASP D 20 6.26 -9.35 6.27
C ASP D 20 7.01 -8.66 5.14
N PHE D 21 6.25 -8.15 4.17
CA PHE D 21 6.80 -7.43 3.03
C PHE D 21 6.44 -5.96 3.17
N LEU D 22 7.28 -5.09 2.62
CA LEU D 22 6.96 -3.67 2.63
C LEU D 22 7.47 -3.01 1.36
N PHE D 23 6.56 -2.37 0.64
CA PHE D 23 6.93 -1.69 -0.57
C PHE D 23 6.80 -0.18 -0.40
N ALA D 24 7.91 0.51 -0.55
CA ALA D 24 7.89 1.95 -0.46
C ALA D 24 8.09 2.46 -1.89
N TYR D 25 6.99 2.79 -2.54
CA TYR D 25 7.02 3.29 -3.90
C TYR D 25 7.26 4.79 -3.90
N SER D 26 8.00 5.29 -4.90
CA SER D 26 8.28 6.73 -4.98
C SER D 26 7.06 7.51 -5.40
N THR D 27 6.11 6.84 -6.06
CA THR D 27 4.92 7.52 -6.51
C THR D 27 3.68 6.61 -6.41
N VAL D 28 2.50 7.20 -6.62
CA VAL D 28 1.23 6.50 -6.54
C VAL D 28 0.94 5.76 -7.86
N PRO D 29 0.10 4.71 -7.79
CA PRO D 29 -0.23 3.95 -9.01
C PRO D 29 -0.73 4.81 -10.15
N GLY D 30 -0.11 4.65 -11.31
CA GLY D 30 -0.51 5.40 -12.49
C GLY D 30 0.24 6.68 -12.76
N TYR D 31 1.05 7.14 -11.81
CA TYR D 31 1.78 8.38 -12.01
C TYR D 31 3.25 8.30 -12.36
N TYR D 32 3.76 9.44 -12.80
CA TYR D 32 5.13 9.63 -13.22
C TYR D 32 5.92 9.81 -11.93
N SER D 33 7.24 9.65 -11.97
CA SER D 33 8.05 9.84 -10.77
C SER D 33 9.21 10.78 -11.10
N TRP D 34 9.23 11.94 -10.47
CA TRP D 34 10.24 12.97 -10.72
C TRP D 34 11.66 12.77 -10.21
N ARG D 35 12.61 13.33 -10.97
CA ARG D 35 14.02 13.27 -10.65
C ARG D 35 14.70 14.50 -11.23
N SER D 36 15.79 14.91 -10.61
CA SER D 36 16.55 16.06 -11.07
C SER D 36 17.91 15.53 -11.53
N PRO D 37 18.33 15.89 -12.76
CA PRO D 37 19.64 15.40 -13.21
C PRO D 37 20.76 15.88 -12.30
N GLY D 38 20.48 16.92 -11.52
CA GLY D 38 21.47 17.46 -10.61
C GLY D 38 21.50 16.75 -9.27
N ARG D 39 20.39 16.78 -8.53
CA ARG D 39 20.37 16.16 -7.22
C ARG D 39 19.70 14.77 -7.12
N GLY D 40 19.32 14.21 -8.26
CA GLY D 40 18.68 12.90 -8.22
C GLY D 40 17.18 13.05 -8.09
N SER D 41 16.49 11.92 -7.89
CA SER D 41 15.04 11.92 -7.75
C SER D 41 14.57 12.46 -6.40
N TRP D 42 13.34 12.95 -6.35
CA TRP D 42 12.77 13.52 -5.14
C TRP D 42 12.64 12.52 -4.01
N PHE D 43 12.04 11.38 -4.33
CA PHE D 43 11.83 10.32 -3.35
C PHE D 43 13.09 9.88 -2.65
N VAL D 44 14.17 9.72 -3.42
CA VAL D 44 15.44 9.29 -2.86
C VAL D 44 16.15 10.37 -2.04
N GLN D 45 16.12 11.60 -2.53
CA GLN D 45 16.73 12.72 -1.81
C GLN D 45 16.09 12.81 -0.44
N ALA D 46 14.76 12.84 -0.41
CA ALA D 46 14.01 12.89 0.85
C ALA D 46 14.21 11.64 1.71
N LEU D 47 14.05 10.45 1.12
CA LEU D 47 14.22 9.22 1.88
C LEU D 47 15.54 9.24 2.62
N CYS D 48 16.59 9.73 1.96
CA CYS D 48 17.92 9.78 2.56
C CYS D 48 18.08 10.80 3.69
N SER D 49 17.67 12.04 3.46
CA SER D 49 17.81 13.03 4.50
C SER D 49 17.07 12.63 5.77
N ILE D 50 15.87 12.07 5.62
CA ILE D 50 15.08 11.64 6.76
C ILE D 50 15.74 10.46 7.45
N LEU D 51 16.35 9.60 6.65
CA LEU D 51 17.01 8.42 7.19
C LEU D 51 18.28 8.82 7.94
N GLU D 52 19.02 9.80 7.41
CA GLU D 52 20.23 10.25 8.06
C GLU D 52 19.89 10.69 9.50
N GLU D 53 18.94 11.61 9.63
CA GLU D 53 18.52 12.13 10.92
C GLU D 53 17.84 11.12 11.85
N HIS D 54 16.68 10.67 11.42
CA HIS D 54 15.85 9.77 12.22
C HIS D 54 16.01 8.27 12.06
N GLY D 55 16.94 7.84 11.21
CA GLY D 55 17.14 6.41 10.99
C GLY D 55 17.27 5.52 12.20
N LYS D 56 18.05 5.95 13.18
CA LYS D 56 18.24 5.15 14.39
C LYS D 56 17.23 5.44 15.50
N ASP D 57 16.24 6.30 15.22
CA ASP D 57 15.26 6.63 16.24
C ASP D 57 13.83 6.23 15.93
N LEU D 58 13.31 6.67 14.80
CA LEU D 58 11.94 6.37 14.41
C LEU D 58 11.75 4.97 13.80
N GLU D 59 10.48 4.61 13.60
CA GLU D 59 10.04 3.33 13.04
C GLU D 59 9.85 3.62 11.53
N ILE D 60 10.14 2.66 10.64
CA ILE D 60 10.01 2.97 9.21
C ILE D 60 8.72 3.68 8.84
N MET D 61 7.60 3.26 9.41
CA MET D 61 6.34 3.92 9.07
C MET D 61 6.39 5.40 9.42
N GLN D 62 7.05 5.74 10.52
CA GLN D 62 7.20 7.14 10.91
C GLN D 62 8.16 7.73 9.88
N ILE D 63 9.22 6.99 9.59
CA ILE D 63 10.23 7.40 8.61
C ILE D 63 9.58 7.70 7.27
N LEU D 64 8.87 6.71 6.73
CA LEU D 64 8.22 6.84 5.43
C LEU D 64 7.09 7.85 5.40
N THR D 65 6.42 8.04 6.53
CA THR D 65 5.34 9.02 6.57
C THR D 65 5.96 10.41 6.44
N ARG D 66 7.12 10.59 7.06
CA ARG D 66 7.82 11.85 7.00
C ARG D 66 8.31 12.07 5.59
N VAL D 67 8.76 11.00 4.94
CA VAL D 67 9.24 11.10 3.57
C VAL D 67 8.09 11.55 2.71
N ASN D 68 6.90 11.00 2.97
CA ASN D 68 5.71 11.37 2.20
C ASN D 68 5.45 12.87 2.33
N ASP D 69 5.63 13.40 3.54
CA ASP D 69 5.40 14.81 3.79
C ASP D 69 6.44 15.68 3.05
N ARG D 70 7.71 15.32 3.17
CA ARG D 70 8.74 16.10 2.51
C ARG D 70 8.65 16.20 1.00
N VAL D 71 8.42 15.10 0.29
CA VAL D 71 8.36 15.23 -1.16
C VAL D 71 7.08 15.89 -1.61
N ALA D 72 6.12 15.99 -0.69
CA ALA D 72 4.83 16.59 -1.02
C ALA D 72 4.77 18.09 -0.77
N ARG D 73 5.71 18.61 0.02
CA ARG D 73 5.72 20.03 0.33
C ARG D 73 6.97 20.80 -0.09
N HIS D 74 8.10 20.12 -0.13
CA HIS D 74 9.34 20.77 -0.50
C HIS D 74 9.75 20.47 -1.94
N PHE D 75 8.82 19.98 -2.74
CA PHE D 75 9.12 19.67 -4.15
C PHE D 75 7.98 20.01 -5.09
N GLU D 76 8.32 20.67 -6.18
CA GLU D 76 7.38 21.06 -7.22
C GLU D 76 8.27 21.19 -8.44
N SER D 77 7.81 20.73 -9.59
CA SER D 77 8.65 20.78 -10.78
C SER D 77 8.66 22.09 -11.55
N GLN D 78 9.73 22.27 -12.31
CA GLN D 78 9.91 23.43 -13.16
C GLN D 78 10.27 22.86 -14.52
N SER D 79 9.64 23.36 -15.57
CA SER D 79 9.92 22.88 -16.91
C SER D 79 9.67 23.97 -17.95
N ASP D 80 10.53 24.02 -18.96
CA ASP D 80 10.37 25.02 -20.02
C ASP D 80 9.11 24.70 -20.81
N ASP D 81 8.52 23.55 -20.53
CA ASP D 81 7.30 23.09 -21.18
C ASP D 81 6.17 23.25 -20.17
N PRO D 82 5.03 23.85 -20.58
CA PRO D 82 3.92 24.04 -19.66
C PRO D 82 3.25 22.72 -19.27
N HIS D 83 3.32 21.75 -20.17
CA HIS D 83 2.75 20.43 -19.94
C HIS D 83 3.32 19.80 -18.66
N PHE D 84 4.58 20.10 -18.38
CA PHE D 84 5.28 19.55 -17.23
C PHE D 84 5.70 20.57 -16.19
N HIS D 85 5.05 21.73 -16.16
CA HIS D 85 5.47 22.76 -15.22
C HIS D 85 4.70 22.80 -13.91
N GLU D 86 5.43 22.96 -12.81
CA GLU D 86 4.87 23.06 -11.47
C GLU D 86 4.07 21.86 -10.98
N LYS D 87 4.45 20.65 -11.40
CA LYS D 87 3.75 19.44 -11.00
C LYS D 87 4.18 18.96 -9.60
N LYS D 88 3.34 18.15 -8.96
CA LYS D 88 3.62 17.63 -7.63
C LYS D 88 3.74 16.09 -7.58
N GLN D 89 4.12 15.56 -6.43
CA GLN D 89 4.28 14.12 -6.30
C GLN D 89 4.12 13.63 -4.86
N ILE D 90 3.47 12.49 -4.69
CA ILE D 90 3.29 11.88 -3.37
C ILE D 90 3.71 10.41 -3.49
N PRO D 91 4.55 9.94 -2.56
CA PRO D 91 5.00 8.53 -2.59
C PRO D 91 3.86 7.61 -2.13
N CYS D 92 4.09 6.30 -2.21
CA CYS D 92 3.08 5.30 -1.84
C CYS D 92 3.66 4.16 -1.03
N VAL D 93 3.21 4.00 0.22
CA VAL D 93 3.71 2.92 1.09
C VAL D 93 2.71 1.78 1.25
N VAL D 94 3.09 0.60 0.78
CA VAL D 94 2.23 -0.60 0.90
C VAL D 94 2.85 -1.48 2.00
N SER D 95 2.05 -1.81 3.00
CA SER D 95 2.55 -2.60 4.13
C SER D 95 1.83 -3.88 4.51
N MET D 96 2.62 -4.91 4.76
CA MET D 96 2.14 -6.23 5.14
C MET D 96 2.96 -6.63 6.37
N LEU D 97 3.72 -5.70 6.93
CA LEU D 97 4.51 -6.01 8.11
C LEU D 97 3.56 -6.40 9.24
N THR D 98 4.04 -7.30 10.10
CA THR D 98 3.25 -7.79 11.21
C THR D 98 3.72 -7.27 12.56
N LYS D 99 4.76 -6.44 12.55
CA LYS D 99 5.33 -5.86 13.78
C LYS D 99 6.00 -4.53 13.48
N GLU D 100 6.40 -3.81 14.53
CA GLU D 100 7.06 -2.52 14.35
C GLU D 100 8.51 -2.77 13.99
N LEU D 101 9.07 -1.92 13.13
CA LEU D 101 10.45 -2.10 12.71
C LEU D 101 11.36 -0.93 13.06
N TYR D 102 12.34 -1.23 13.91
CA TYR D 102 13.33 -0.25 14.36
C TYR D 102 14.68 -0.82 13.95
N PHE D 103 15.53 0.00 13.35
CA PHE D 103 16.87 -0.44 12.94
C PHE D 103 17.82 -0.09 14.09
N SER D 104 17.84 -0.87 15.17
CA SER D 104 18.71 -0.49 16.29
C SER D 104 19.23 -1.60 17.21
N GLN D 105 18.41 -1.97 18.20
CA GLN D 105 18.79 -3.00 19.18
C GLN D 105 18.01 -4.32 19.03
N THR E 12 -14.79 -25.73 -13.35
CA THR E 12 -14.53 -26.43 -12.05
C THR E 12 -15.57 -25.98 -11.03
N HIS E 13 -15.70 -26.73 -9.95
CA HIS E 13 -16.67 -26.39 -8.90
C HIS E 13 -15.99 -25.50 -7.86
N ALA E 14 -14.78 -25.89 -7.47
CA ALA E 14 -14.02 -25.12 -6.50
C ALA E 14 -13.97 -23.66 -6.98
N ASP E 15 -13.64 -23.49 -8.26
CA ASP E 15 -13.54 -22.16 -8.86
C ASP E 15 -14.88 -21.42 -8.78
N TYR E 16 -15.96 -22.13 -9.07
CA TYR E 16 -17.29 -21.54 -9.02
C TYR E 16 -17.55 -20.90 -7.67
N LEU E 17 -17.44 -21.69 -6.60
CA LEU E 17 -17.66 -21.19 -5.26
C LEU E 17 -16.80 -19.96 -4.94
N LEU E 18 -15.57 -19.97 -5.44
CA LEU E 18 -14.67 -18.84 -5.20
C LEU E 18 -15.02 -17.59 -6.00
N ARG E 19 -15.31 -17.74 -7.29
CA ARG E 19 -15.65 -16.56 -8.09
C ARG E 19 -17.01 -16.01 -7.70
N THR E 20 -17.82 -16.82 -7.01
CA THR E 20 -19.14 -16.37 -6.58
C THR E 20 -19.07 -15.97 -5.12
N GLY E 21 -17.89 -16.19 -4.52
CA GLY E 21 -17.68 -15.81 -3.13
C GLY E 21 -18.55 -16.58 -2.16
N GLN E 22 -18.55 -17.90 -2.27
CA GLN E 22 -19.35 -18.73 -1.38
C GLN E 22 -18.48 -19.53 -0.42
N VAL E 23 -17.21 -19.65 -0.75
CA VAL E 23 -16.29 -20.38 0.12
C VAL E 23 -16.18 -19.61 1.45
N VAL E 24 -16.35 -20.31 2.56
CA VAL E 24 -16.28 -19.66 3.87
C VAL E 24 -15.60 -20.50 4.94
N ASP E 25 -15.13 -19.84 5.98
CA ASP E 25 -14.47 -20.50 7.08
C ASP E 25 -15.49 -21.20 7.98
N ILE E 26 -15.31 -22.50 8.19
CA ILE E 26 -16.22 -23.29 9.00
C ILE E 26 -15.71 -23.48 10.43
N SER E 27 -14.63 -22.77 10.77
CA SER E 27 -14.04 -22.85 12.10
C SER E 27 -15.02 -22.53 13.23
N ASP E 28 -16.29 -22.30 12.88
CA ASP E 28 -17.32 -21.99 13.87
C ASP E 28 -17.40 -23.17 14.83
N THR E 29 -18.25 -24.14 14.51
CA THR E 29 -18.44 -25.36 15.29
C THR E 29 -18.48 -25.17 16.81
N THR F 12 1.56 12.31 -29.15
CA THR F 12 1.92 13.69 -28.71
C THR F 12 3.35 13.70 -28.20
N HIS F 13 3.96 14.88 -28.18
CA HIS F 13 5.33 15.01 -27.69
C HIS F 13 5.31 14.84 -26.17
N ALA F 14 4.24 15.32 -25.54
CA ALA F 14 4.11 15.22 -24.09
C ALA F 14 4.08 13.75 -23.65
N ASP F 15 3.23 12.96 -24.29
CA ASP F 15 3.10 11.55 -23.96
C ASP F 15 4.36 10.75 -24.29
N TYR F 16 5.06 11.16 -25.34
CA TYR F 16 6.28 10.47 -25.76
C TYR F 16 7.38 10.69 -24.73
N LEU F 17 7.63 11.95 -24.41
CA LEU F 17 8.67 12.29 -23.44
C LEU F 17 8.41 11.61 -22.10
N LEU F 18 7.15 11.43 -21.74
CA LEU F 18 6.81 10.78 -20.49
C LEU F 18 7.02 9.26 -20.50
N ARG F 19 6.49 8.56 -21.49
CA ARG F 19 6.67 7.10 -21.52
C ARG F 19 8.13 6.70 -21.58
N THR F 20 8.97 7.54 -22.18
CA THR F 20 10.40 7.24 -22.29
C THR F 20 11.17 7.87 -21.12
N GLY F 21 10.42 8.35 -20.14
CA GLY F 21 11.01 8.96 -18.95
C GLY F 21 12.11 9.96 -19.23
N GLN F 22 11.85 10.93 -20.10
CA GLN F 22 12.86 11.93 -20.43
C GLN F 22 12.54 13.26 -19.77
N VAL F 23 11.33 13.39 -19.25
CA VAL F 23 10.93 14.62 -18.59
C VAL F 23 11.57 14.70 -17.21
N VAL F 24 12.50 15.65 -17.04
CA VAL F 24 13.19 15.84 -15.77
C VAL F 24 12.81 17.17 -15.12
N ASP F 25 13.16 17.31 -13.85
CA ASP F 25 12.87 18.54 -13.11
C ASP F 25 14.05 19.50 -13.29
N ILE F 26 13.75 20.71 -13.78
CA ILE F 26 14.77 21.72 -14.02
C ILE F 26 14.95 22.71 -12.86
N SER F 27 14.40 22.39 -11.70
CA SER F 27 14.53 23.28 -10.55
C SER F 27 16.00 23.52 -10.18
N ASP F 28 16.91 22.97 -10.98
CA ASP F 28 18.35 23.14 -10.77
C ASP F 28 18.69 24.62 -10.84
N THR F 29 19.40 25.01 -11.90
CA THR F 29 19.79 26.41 -12.14
C THR F 29 20.65 27.05 -11.05
#